data_7KOJ
#
_entry.id   7KOJ
#
_cell.length_a   113.353
_cell.length_b   113.353
_cell.length_c   220.106
_cell.angle_alpha   90.000
_cell.angle_beta   90.000
_cell.angle_gamma   90.000
#
_symmetry.space_group_name_H-M   'I 41 2 2'
#
loop_
_entity.id
_entity.type
_entity.pdbx_description
1 polymer 'Papain-like protease'
2 non-polymer 2-methyl-N-[(1R)-1-(naphthalen-1-yl)ethyl]-5-{[(prop-2-en-1-yl)carbamoyl]amino}benzamide
3 non-polymer 'ZINC ION'
4 non-polymer 'CHLORIDE ION'
5 non-polymer '2-(N-MORPHOLINO)-ETHANESULFONIC ACID'
6 non-polymer 'ACETATE ION'
7 non-polymer 'UNKNOWN ATOM OR ION'
8 water water
#
_entity_poly.entity_id   1
_entity_poly.type   'polypeptide(L)'
_entity_poly.pdbx_seq_one_letter_code
;SNAEVRTIKVFTTVDNINLHTQVVDMSMTYGQQFGPTYLDGADVTKIKPHNSHEGKTFYVLPNDDTLRVEAFEYYHTTDP
SFLGRYMSALNHTKKWKYPQVNGLTSIKWADNNSYLATALLTLQQIELKFNPPALQDAYYRARAGEAANFCALILAYCNK
TVGELGDVRETMSYLFQHANLDSCKRVLNVVCKTCGQQQTTLKGVEAVMYMGTLSYEQFKKGVQIPCTCGKQATKYLVQQ
ESPFVMMSAPPAQYELKHGTFTCASEYTGNYQCGHYKHITSKETLYCIDGALLTKSSEYKGPITDVFYKENSYTTTIK
;
_entity_poly.pdbx_strand_id   A
#
loop_
_chem_comp.id
_chem_comp.type
_chem_comp.name
_chem_comp.formula
ACT non-polymer 'ACETATE ION' 'C2 H3 O2 -1'
CL non-polymer 'CHLORIDE ION' 'Cl -1'
MES non-polymer '2-(N-MORPHOLINO)-ETHANESULFONIC ACID' 'C6 H13 N O4 S'
UNX non-polymer 'UNKNOWN ATOM OR ION' ?
Y94 non-polymer 2-methyl-N-[(1R)-1-(naphthalen-1-yl)ethyl]-5-{[(prop-2-en-1-yl)carbamoyl]amino}benzamide 'C24 H25 N3 O2'
ZN non-polymer 'ZINC ION' 'Zn 2'
#
# COMPACT_ATOMS: atom_id res chain seq x y z
N VAL A 5 -43.90 -5.68 -19.34
CA VAL A 5 -42.56 -5.26 -18.78
C VAL A 5 -42.06 -6.35 -17.84
N ARG A 6 -40.92 -6.98 -18.16
CA ARG A 6 -40.27 -8.06 -17.35
C ARG A 6 -39.03 -7.49 -16.65
N THR A 7 -38.98 -7.57 -15.32
CA THR A 7 -38.17 -6.69 -14.43
C THR A 7 -37.74 -7.40 -13.14
N ILE A 8 -36.53 -7.99 -13.12
CA ILE A 8 -35.84 -8.49 -11.89
C ILE A 8 -35.52 -7.30 -10.97
N LYS A 9 -35.29 -7.56 -9.68
CA LYS A 9 -34.86 -6.56 -8.68
C LYS A 9 -33.37 -6.77 -8.43
N VAL A 10 -32.63 -5.67 -8.22
CA VAL A 10 -31.19 -5.71 -7.82
C VAL A 10 -30.95 -4.69 -6.71
N PHE A 11 -29.73 -4.74 -6.16
CA PHE A 11 -29.14 -3.71 -5.28
C PHE A 11 -27.99 -3.01 -6.02
N THR A 12 -28.07 -1.68 -6.08
CA THR A 12 -26.95 -0.78 -6.47
C THR A 12 -26.29 -0.21 -5.21
N THR A 13 -25.00 0.08 -5.31
CA THR A 13 -24.19 0.60 -4.20
C THR A 13 -22.95 1.23 -4.81
N VAL A 14 -22.23 2.04 -4.04
CA VAL A 14 -20.86 2.50 -4.38
C VAL A 14 -19.88 1.93 -3.36
N ASP A 15 -20.37 1.60 -2.15
CA ASP A 15 -19.50 1.20 -1.01
C ASP A 15 -19.76 -0.26 -0.60
N ASN A 16 -20.85 -0.85 -1.09
CA ASN A 16 -21.30 -2.23 -0.75
C ASN A 16 -21.64 -2.29 0.75
N ILE A 17 -22.21 -1.21 1.28
CA ILE A 17 -22.70 -1.09 2.69
C ILE A 17 -24.10 -0.53 2.62
N ASN A 18 -24.24 0.64 2.02
CA ASN A 18 -25.56 1.23 1.67
C ASN A 18 -26.00 0.62 0.34
N LEU A 19 -27.07 -0.17 0.39
CA LEU A 19 -27.67 -0.87 -0.78
C LEU A 19 -28.97 -0.17 -1.12
N HIS A 20 -29.19 0.11 -2.40
CA HIS A 20 -30.42 0.78 -2.92
C HIS A 20 -31.18 -0.22 -3.78
N THR A 21 -32.42 -0.43 -3.36
CA THR A 21 -33.50 -1.13 -4.08
C THR A 21 -33.69 -0.50 -5.45
N GLN A 22 -33.34 -1.25 -6.50
CA GLN A 22 -33.71 -0.89 -7.89
C GLN A 22 -34.51 -2.03 -8.51
N VAL A 23 -35.50 -1.71 -9.34
CA VAL A 23 -36.16 -2.69 -10.26
C VAL A 23 -35.81 -2.30 -11.70
N VAL A 24 -35.13 -3.20 -12.42
CA VAL A 24 -34.55 -2.98 -13.78
C VAL A 24 -35.44 -3.66 -14.83
N ASP A 25 -35.73 -2.96 -15.92
CA ASP A 25 -36.31 -3.53 -17.17
C ASP A 25 -35.29 -4.47 -17.82
N MET A 26 -35.71 -5.67 -18.23
CA MET A 26 -34.78 -6.72 -18.73
C MET A 26 -34.47 -6.51 -20.22
N SER A 27 -35.26 -5.68 -20.92
CA SER A 27 -35.04 -5.29 -22.34
C SER A 27 -33.87 -4.30 -22.44
N MET A 28 -33.74 -3.40 -21.45
CA MET A 28 -32.73 -2.30 -21.39
C MET A 28 -31.44 -2.75 -20.70
N THR A 29 -30.28 -2.26 -21.17
CA THR A 29 -28.96 -2.56 -20.58
C THR A 29 -28.88 -1.84 -19.22
N TYR A 30 -28.00 -2.33 -18.36
CA TYR A 30 -27.64 -1.68 -17.08
C TYR A 30 -27.28 -0.21 -17.35
N GLY A 31 -26.39 0.03 -18.31
CA GLY A 31 -25.90 1.36 -18.74
C GLY A 31 -27.02 2.37 -18.94
N GLN A 32 -28.09 1.99 -19.65
CA GLN A 32 -29.17 2.94 -19.96
C GLN A 32 -29.95 3.31 -18.69
N GLN A 33 -29.93 2.46 -17.66
CA GLN A 33 -30.75 2.65 -16.44
C GLN A 33 -29.93 3.20 -15.25
N PHE A 34 -28.63 2.93 -15.16
CA PHE A 34 -27.83 3.31 -13.95
C PHE A 34 -26.57 4.11 -14.27
N GLY A 35 -26.23 4.28 -15.55
CA GLY A 35 -24.85 4.59 -15.97
C GLY A 35 -23.97 3.36 -15.80
N PRO A 36 -22.63 3.55 -15.77
CA PRO A 36 -21.71 2.43 -15.60
C PRO A 36 -22.06 1.58 -14.37
N THR A 37 -22.09 0.26 -14.56
CA THR A 37 -22.56 -0.77 -13.59
C THR A 37 -21.56 -1.92 -13.61
N TYR A 38 -21.01 -2.33 -12.46
CA TYR A 38 -20.04 -3.44 -12.39
C TYR A 38 -20.63 -4.56 -11.52
N LEU A 39 -20.19 -5.79 -11.79
CA LEU A 39 -20.43 -7.01 -10.97
C LEU A 39 -19.10 -7.72 -10.69
N ASP A 40 -18.77 -7.80 -9.41
CA ASP A 40 -17.57 -8.50 -8.88
C ASP A 40 -16.35 -8.07 -9.71
N GLY A 41 -16.28 -6.79 -10.12
CA GLY A 41 -15.15 -6.22 -10.87
C GLY A 41 -15.43 -6.13 -12.37
N ALA A 42 -16.43 -6.85 -12.86
CA ALA A 42 -16.67 -7.09 -14.30
C ALA A 42 -17.67 -6.07 -14.86
N ASP A 43 -17.20 -5.19 -15.74
CA ASP A 43 -18.03 -4.15 -16.42
C ASP A 43 -19.22 -4.79 -17.15
N VAL A 44 -20.44 -4.52 -16.69
CA VAL A 44 -21.72 -5.04 -17.26
C VAL A 44 -22.59 -3.86 -17.74
N THR A 45 -21.99 -2.69 -17.98
CA THR A 45 -22.70 -1.48 -18.50
C THR A 45 -23.55 -1.82 -19.73
N LYS A 46 -22.96 -2.48 -20.73
CA LYS A 46 -23.58 -2.68 -22.07
C LYS A 46 -24.46 -3.93 -22.05
N ILE A 47 -24.18 -4.88 -21.16
CA ILE A 47 -24.98 -6.12 -20.97
C ILE A 47 -26.35 -5.73 -20.39
N LYS A 48 -27.38 -6.47 -20.77
CA LYS A 48 -28.76 -6.36 -20.23
C LYS A 48 -28.88 -7.41 -19.12
N PRO A 49 -29.96 -7.42 -18.32
CA PRO A 49 -30.05 -8.33 -17.17
C PRO A 49 -30.32 -9.80 -17.54
N HIS A 50 -29.57 -10.76 -16.96
CA HIS A 50 -29.92 -12.21 -16.94
C HIS A 50 -30.90 -12.47 -15.79
N ASN A 51 -31.38 -13.71 -15.68
CA ASN A 51 -32.25 -14.16 -14.55
C ASN A 51 -31.38 -14.44 -13.32
N SER A 52 -30.18 -15.01 -13.50
CA SER A 52 -29.19 -15.31 -12.43
C SER A 52 -28.65 -14.01 -11.79
N HIS A 53 -29.12 -12.84 -12.28
CA HIS A 53 -28.75 -11.48 -11.82
C HIS A 53 -29.72 -11.02 -10.71
N GLU A 54 -31.02 -11.33 -10.84
CA GLU A 54 -32.06 -11.09 -9.79
C GLU A 54 -31.42 -11.17 -8.39
N GLY A 55 -31.56 -10.11 -7.59
CA GLY A 55 -31.22 -10.08 -6.15
C GLY A 55 -29.81 -9.59 -5.85
N LYS A 56 -28.86 -9.76 -6.78
CA LYS A 56 -27.41 -9.47 -6.58
C LYS A 56 -27.18 -7.97 -6.30
N THR A 57 -25.93 -7.64 -5.99
CA THR A 57 -25.47 -6.27 -5.69
C THR A 57 -24.52 -5.83 -6.82
N PHE A 58 -24.89 -4.73 -7.48
CA PHE A 58 -24.04 -4.05 -8.49
C PHE A 58 -23.47 -2.77 -7.89
N TYR A 59 -22.19 -2.52 -8.13
CA TYR A 59 -21.58 -1.18 -7.99
C TYR A 59 -22.02 -0.30 -9.18
N VAL A 60 -22.37 0.95 -8.90
CA VAL A 60 -22.62 1.99 -9.94
C VAL A 60 -21.70 3.18 -9.71
N LEU A 61 -21.42 3.92 -10.77
CA LEU A 61 -20.78 5.25 -10.74
C LEU A 61 -21.76 6.17 -10.03
N PRO A 62 -21.35 6.96 -9.02
CA PRO A 62 -22.29 7.88 -8.38
C PRO A 62 -22.95 8.83 -9.39
N ASN A 63 -24.29 8.89 -9.41
CA ASN A 63 -25.00 9.81 -10.32
C ASN A 63 -26.06 10.59 -9.56
N ASP A 64 -25.95 10.70 -8.25
CA ASP A 64 -26.77 11.63 -7.44
C ASP A 64 -25.94 11.96 -6.21
N ASP A 65 -26.38 12.94 -5.45
CA ASP A 65 -25.62 13.52 -4.32
C ASP A 65 -25.47 12.46 -3.23
N THR A 66 -26.54 11.71 -2.94
CA THR A 66 -26.49 10.58 -1.96
C THR A 66 -25.32 9.67 -2.25
N LEU A 67 -25.18 9.22 -3.49
CA LEU A 67 -24.10 8.26 -3.86
C LEU A 67 -22.75 8.99 -3.87
N ARG A 68 -22.67 10.26 -4.30
CA ARG A 68 -21.35 10.96 -4.32
C ARG A 68 -20.86 11.07 -2.88
N VAL A 69 -21.76 11.40 -1.95
CA VAL A 69 -21.37 11.57 -0.53
C VAL A 69 -21.00 10.21 0.05
N GLU A 70 -21.78 9.17 -0.24
CA GLU A 70 -21.40 7.78 0.21
C GLU A 70 -20.05 7.34 -0.38
N ALA A 71 -19.75 7.68 -1.62
CA ALA A 71 -18.46 7.28 -2.24
C ALA A 71 -17.31 8.02 -1.55
N PHE A 72 -17.42 9.32 -1.32
CA PHE A 72 -16.36 10.09 -0.61
C PHE A 72 -16.14 9.50 0.80
N GLU A 73 -17.22 9.27 1.53
CA GLU A 73 -17.11 8.76 2.93
C GLU A 73 -16.45 7.38 2.96
N TYR A 74 -16.69 6.54 1.96
CA TYR A 74 -16.09 5.17 1.90
C TYR A 74 -14.65 5.19 1.36
N TYR A 75 -14.35 5.94 0.28
CA TYR A 75 -13.04 5.87 -0.45
C TYR A 75 -12.16 7.06 -0.14
N HIS A 76 -12.72 8.16 0.41
CA HIS A 76 -12.01 9.45 0.57
C HIS A 76 -11.50 9.98 -0.77
N THR A 77 -12.22 9.78 -1.86
CA THR A 77 -11.92 10.44 -3.15
C THR A 77 -13.22 10.75 -3.89
N THR A 78 -13.26 11.85 -4.66
CA THR A 78 -14.35 12.22 -5.60
C THR A 78 -13.93 11.91 -7.05
N ASP A 79 -12.72 11.42 -7.28
CA ASP A 79 -12.24 11.13 -8.65
C ASP A 79 -13.25 10.23 -9.34
N PRO A 80 -13.88 10.68 -10.45
CA PRO A 80 -14.88 9.87 -11.13
C PRO A 80 -14.32 8.60 -11.79
N SER A 81 -13.01 8.52 -12.06
CA SER A 81 -12.43 7.30 -12.69
C SER A 81 -12.19 6.22 -11.60
N PHE A 82 -12.23 6.56 -10.30
CA PHE A 82 -11.73 5.68 -9.21
C PHE A 82 -12.45 4.33 -9.25
N LEU A 83 -13.77 4.37 -9.29
CA LEU A 83 -14.58 3.14 -9.26
C LEU A 83 -14.16 2.25 -10.41
N GLY A 84 -14.09 2.76 -11.65
CA GLY A 84 -13.77 1.96 -12.84
C GLY A 84 -12.39 1.37 -12.76
N ARG A 85 -11.41 2.12 -12.30
CA ARG A 85 -10.01 1.64 -12.11
C ARG A 85 -9.99 0.55 -11.01
N TYR A 86 -10.79 0.69 -9.96
CA TYR A 86 -10.85 -0.30 -8.86
C TYR A 86 -11.44 -1.56 -9.42
N MET A 87 -12.52 -1.45 -10.19
CA MET A 87 -13.19 -2.65 -10.71
C MET A 87 -12.28 -3.34 -11.74
N SER A 88 -11.55 -2.61 -12.60
CA SER A 88 -10.66 -3.22 -13.63
C SER A 88 -9.59 -4.04 -12.93
N ALA A 89 -8.98 -3.50 -11.88
CA ALA A 89 -7.97 -4.21 -11.06
C ALA A 89 -8.60 -5.46 -10.39
N LEU A 90 -9.77 -5.33 -9.77
CA LEU A 90 -10.43 -6.41 -8.98
C LEU A 90 -10.65 -7.62 -9.86
N ASN A 91 -11.00 -7.34 -11.10
CA ASN A 91 -11.26 -8.38 -12.13
C ASN A 91 -10.06 -9.32 -12.31
N HIS A 92 -8.84 -8.81 -12.12
CA HIS A 92 -7.61 -9.64 -12.07
C HIS A 92 -7.36 -10.10 -10.61
N THR A 93 -7.38 -9.21 -9.63
CA THR A 93 -6.88 -9.60 -8.29
C THR A 93 -7.74 -10.72 -7.70
N LYS A 94 -9.01 -10.83 -8.08
CA LYS A 94 -9.89 -11.92 -7.60
C LYS A 94 -9.42 -13.25 -8.19
N LYS A 95 -8.62 -13.29 -9.25
CA LYS A 95 -8.15 -14.57 -9.83
C LYS A 95 -6.76 -14.93 -9.30
N TRP A 96 -6.06 -14.01 -8.66
CA TRP A 96 -4.74 -14.30 -8.04
C TRP A 96 -4.95 -15.27 -6.85
N LYS A 97 -3.92 -15.99 -6.44
CA LYS A 97 -3.93 -16.86 -5.23
C LYS A 97 -3.20 -16.12 -4.12
N TYR A 98 -3.72 -16.25 -2.91
CA TYR A 98 -3.19 -15.58 -1.69
C TYR A 98 -2.79 -16.65 -0.68
N PRO A 99 -1.70 -17.42 -0.89
CA PRO A 99 -1.31 -18.47 0.06
C PRO A 99 -0.80 -17.83 1.36
N GLN A 100 -1.01 -18.51 2.49
CA GLN A 100 -0.38 -18.14 3.78
C GLN A 100 1.07 -18.62 3.67
N VAL A 101 2.04 -17.76 3.94
CA VAL A 101 3.48 -18.13 3.92
C VAL A 101 4.09 -17.64 5.22
N ASN A 102 4.57 -18.53 6.10
CA ASN A 102 5.21 -18.09 7.38
C ASN A 102 4.26 -17.18 8.18
N GLY A 103 2.98 -17.53 8.22
CA GLY A 103 1.92 -16.82 8.94
C GLY A 103 1.52 -15.49 8.31
N LEU A 104 1.88 -15.21 7.05
CA LEU A 104 1.55 -13.93 6.39
C LEU A 104 0.76 -14.23 5.10
N THR A 105 -0.20 -13.39 4.76
CA THR A 105 -0.87 -13.51 3.43
C THR A 105 0.09 -12.97 2.37
N SER A 106 0.50 -13.82 1.44
CA SER A 106 1.34 -13.44 0.30
C SER A 106 0.48 -13.47 -0.98
N ILE A 107 1.11 -13.35 -2.13
CA ILE A 107 0.42 -13.47 -3.44
C ILE A 107 1.28 -14.36 -4.32
N LYS A 108 0.68 -15.41 -4.86
CA LYS A 108 1.38 -16.18 -5.90
C LYS A 108 1.65 -15.29 -7.11
N TRP A 109 2.79 -15.46 -7.78
CA TRP A 109 3.25 -14.52 -8.82
C TRP A 109 2.26 -14.54 -9.96
N ALA A 110 1.82 -13.35 -10.38
CA ALA A 110 1.07 -13.13 -11.64
C ALA A 110 1.16 -11.65 -12.02
N ASP A 111 1.00 -11.31 -13.31
CA ASP A 111 0.67 -9.92 -13.73
C ASP A 111 1.68 -8.94 -13.11
N ASN A 112 2.97 -9.32 -13.03
CA ASN A 112 4.07 -8.45 -12.53
C ASN A 112 3.77 -7.97 -11.09
N ASN A 113 3.21 -8.83 -10.23
CA ASN A 113 2.68 -8.37 -8.92
C ASN A 113 3.73 -8.48 -7.80
N SER A 114 5.01 -8.71 -8.06
CA SER A 114 5.98 -8.89 -6.94
C SER A 114 5.99 -7.68 -6.02
N TYR A 115 5.91 -6.46 -6.55
CA TYR A 115 5.95 -5.23 -5.72
C TYR A 115 4.73 -5.20 -4.80
N LEU A 116 3.59 -5.66 -5.29
CA LEU A 116 2.32 -5.65 -4.53
C LEU A 116 2.38 -6.71 -3.42
N ALA A 117 2.91 -7.90 -3.69
CA ALA A 117 3.10 -8.95 -2.65
C ALA A 117 4.06 -8.41 -1.59
N THR A 118 5.18 -7.81 -2.00
CA THR A 118 6.18 -7.25 -1.05
C THR A 118 5.49 -6.19 -0.17
N ALA A 119 4.72 -5.28 -0.77
CA ALA A 119 3.98 -4.24 0.00
C ALA A 119 2.98 -4.90 0.97
N LEU A 120 2.22 -5.88 0.49
CA LEU A 120 1.15 -6.55 1.27
C LEU A 120 1.78 -7.25 2.49
N LEU A 121 2.89 -7.96 2.28
CA LEU A 121 3.63 -8.66 3.36
C LEU A 121 4.11 -7.63 4.39
N THR A 122 4.65 -6.51 3.92
CA THR A 122 5.20 -5.44 4.78
C THR A 122 4.08 -4.84 5.65
N LEU A 123 2.94 -4.57 5.05
CA LEU A 123 1.82 -3.90 5.76
C LEU A 123 1.29 -4.81 6.88
N GLN A 124 1.50 -6.14 6.79
CA GLN A 124 1.05 -7.03 7.89
C GLN A 124 2.05 -6.99 9.05
N GLN A 125 3.15 -6.24 8.97
CA GLN A 125 4.23 -6.27 9.99
C GLN A 125 4.49 -4.90 10.59
N ILE A 126 3.79 -3.86 10.15
CA ILE A 126 3.95 -2.50 10.71
C ILE A 126 2.57 -2.02 11.15
N GLU A 127 2.54 -1.13 12.13
CA GLU A 127 1.32 -0.52 12.73
C GLU A 127 0.88 0.69 11.88
N LEU A 128 -0.31 0.62 11.29
CA LEU A 128 -0.87 1.63 10.36
C LEU A 128 -2.39 1.60 10.51
N LYS A 129 -3.03 2.76 10.65
CA LYS A 129 -4.50 2.87 10.48
CA LYS A 129 -4.49 2.93 10.52
C LYS A 129 -4.78 3.68 9.20
N PHE A 130 -5.53 3.09 8.29
CA PHE A 130 -5.94 3.73 7.03
C PHE A 130 -7.12 4.66 7.32
N ASN A 131 -7.12 5.85 6.71
CA ASN A 131 -8.20 6.86 6.89
C ASN A 131 -9.43 6.40 6.12
N PRO A 132 -9.36 5.99 4.82
CA PRO A 132 -10.56 5.56 4.11
C PRO A 132 -11.10 4.24 4.65
N PRO A 133 -12.38 4.14 5.08
CA PRO A 133 -12.93 2.87 5.53
C PRO A 133 -12.76 1.73 4.51
N ALA A 134 -12.82 2.07 3.23
CA ALA A 134 -12.62 1.09 2.13
C ALA A 134 -11.32 0.34 2.36
N LEU A 135 -10.24 1.10 2.61
CA LEU A 135 -8.88 0.55 2.77
C LEU A 135 -8.75 -0.20 4.11
N GLN A 136 -9.30 0.37 5.19
CA GLN A 136 -9.22 -0.25 6.52
C GLN A 136 -9.95 -1.60 6.46
N ASP A 137 -11.16 -1.64 5.91
CA ASP A 137 -11.98 -2.88 5.90
C ASP A 137 -11.23 -3.93 5.08
N ALA A 138 -10.70 -3.52 3.93
CA ALA A 138 -10.02 -4.44 3.01
C ALA A 138 -8.72 -4.94 3.65
N TYR A 139 -8.00 -4.08 4.37
CA TYR A 139 -6.75 -4.45 5.10
C TYR A 139 -7.04 -5.56 6.11
N TYR A 140 -8.11 -5.40 6.88
CA TYR A 140 -8.51 -6.44 7.89
C TYR A 140 -8.79 -7.74 7.16
N ARG A 141 -9.52 -7.66 6.03
CA ARG A 141 -9.88 -8.88 5.28
CA ARG A 141 -9.88 -8.90 5.29
C ARG A 141 -8.61 -9.52 4.70
N ALA A 142 -7.66 -8.70 4.26
CA ALA A 142 -6.41 -9.23 3.69
C ALA A 142 -5.59 -9.97 4.76
N ARG A 143 -5.49 -9.39 5.94
CA ARG A 143 -4.78 -9.99 7.10
CA ARG A 143 -4.86 -9.95 7.17
C ARG A 143 -5.37 -11.37 7.40
N ALA A 144 -6.68 -11.55 7.24
CA ALA A 144 -7.37 -12.84 7.47
C ALA A 144 -7.31 -13.71 6.22
N GLY A 145 -6.60 -13.32 5.16
CA GLY A 145 -6.34 -14.24 4.04
C GLY A 145 -7.13 -13.92 2.77
N GLU A 146 -8.03 -12.93 2.77
CA GLU A 146 -8.82 -12.56 1.56
C GLU A 146 -8.38 -11.19 1.05
N ALA A 147 -7.35 -11.15 0.21
CA ALA A 147 -6.63 -9.90 -0.07
C ALA A 147 -6.97 -9.31 -1.45
N ALA A 148 -7.87 -9.92 -2.21
CA ALA A 148 -8.18 -9.50 -3.62
C ALA A 148 -8.62 -8.03 -3.59
N ASN A 149 -9.58 -7.67 -2.74
CA ASN A 149 -10.10 -6.30 -2.69
C ASN A 149 -9.00 -5.34 -2.33
N PHE A 150 -8.22 -5.67 -1.33
CA PHE A 150 -7.18 -4.78 -0.83
C PHE A 150 -6.17 -4.51 -1.96
N CYS A 151 -5.75 -5.53 -2.68
CA CYS A 151 -4.76 -5.40 -3.78
C CYS A 151 -5.36 -4.47 -4.88
N ALA A 152 -6.63 -4.65 -5.22
CA ALA A 152 -7.34 -3.84 -6.22
C ALA A 152 -7.36 -2.39 -5.75
N LEU A 153 -7.62 -2.17 -4.46
CA LEU A 153 -7.65 -0.79 -3.95
C LEU A 153 -6.23 -0.21 -3.98
N ILE A 154 -5.23 -0.97 -3.61
CA ILE A 154 -3.83 -0.42 -3.65
C ILE A 154 -3.55 0.11 -5.07
N LEU A 155 -3.86 -0.68 -6.11
CA LEU A 155 -3.66 -0.27 -7.51
C LEU A 155 -4.45 1.02 -7.79
N ALA A 156 -5.74 1.07 -7.46
CA ALA A 156 -6.58 2.25 -7.73
C ALA A 156 -5.99 3.47 -7.01
N TYR A 157 -5.65 3.37 -5.73
CA TYR A 157 -5.14 4.52 -4.96
C TYR A 157 -3.76 4.94 -5.48
N CYS A 158 -2.96 4.02 -6.03
CA CYS A 158 -1.60 4.34 -6.52
C CYS A 158 -1.64 4.81 -7.98
N ASN A 159 -2.81 4.78 -8.62
CA ASN A 159 -2.96 5.08 -10.07
C ASN A 159 -2.13 4.10 -10.92
N LYS A 160 -2.16 2.83 -10.59
CA LYS A 160 -1.44 1.75 -11.30
C LYS A 160 -2.47 0.78 -11.86
N THR A 161 -2.18 0.18 -13.00
CA THR A 161 -3.03 -0.87 -13.58
C THR A 161 -2.30 -2.18 -13.35
N VAL A 162 -3.06 -3.26 -13.44
CA VAL A 162 -2.53 -4.63 -13.37
C VAL A 162 -1.50 -4.78 -14.50
N GLY A 163 -0.34 -5.33 -14.18
CA GLY A 163 0.74 -5.59 -15.14
C GLY A 163 1.78 -4.49 -15.13
N GLU A 164 1.41 -3.29 -14.71
CA GLU A 164 2.32 -2.12 -14.71
C GLU A 164 3.42 -2.36 -13.68
N LEU A 165 4.65 -1.98 -14.02
CA LEU A 165 5.83 -2.18 -13.15
C LEU A 165 5.76 -1.15 -12.03
N GLY A 166 5.87 -1.60 -10.79
CA GLY A 166 5.71 -0.75 -9.61
C GLY A 166 6.89 -0.82 -8.66
N ASP A 167 7.05 0.23 -7.87
CA ASP A 167 8.16 0.45 -6.92
C ASP A 167 7.54 0.36 -5.52
N VAL A 168 8.10 -0.46 -4.66
CA VAL A 168 7.52 -0.65 -3.30
C VAL A 168 7.59 0.64 -2.49
N ARG A 169 8.69 1.36 -2.55
CA ARG A 169 8.82 2.63 -1.81
C ARG A 169 7.74 3.62 -2.26
N GLU A 170 7.53 3.79 -3.57
CA GLU A 170 6.48 4.72 -4.08
C GLU A 170 5.10 4.23 -3.61
N THR A 171 4.84 2.93 -3.71
CA THR A 171 3.54 2.34 -3.29
C THR A 171 3.34 2.61 -1.77
N MET A 172 4.35 2.36 -0.94
CA MET A 172 4.20 2.56 0.52
C MET A 172 3.93 4.06 0.75
N SER A 173 4.64 4.94 0.04
CA SER A 173 4.45 6.40 0.22
C SER A 173 2.97 6.77 -0.02
N TYR A 174 2.39 6.36 -1.15
CA TYR A 174 0.97 6.65 -1.43
C TYR A 174 0.08 6.10 -0.33
N LEU A 175 0.33 4.86 0.12
CA LEU A 175 -0.52 4.23 1.16
C LEU A 175 -0.39 5.02 2.47
N PHE A 176 0.82 5.46 2.84
CA PHE A 176 1.06 6.22 4.08
C PHE A 176 0.29 7.55 4.01
N GLN A 177 0.15 8.16 2.83
CA GLN A 177 -0.60 9.44 2.65
C GLN A 177 -2.10 9.20 2.92
N HIS A 178 -2.51 7.94 2.88
CA HIS A 178 -3.91 7.55 3.15
C HIS A 178 -4.05 6.99 4.55
N ALA A 179 -3.05 7.20 5.40
CA ALA A 179 -3.04 6.60 6.76
C ALA A 179 -2.87 7.69 7.81
N ASN A 180 -3.14 7.37 9.06
CA ASN A 180 -3.06 8.39 10.12
C ASN A 180 -1.65 8.40 10.67
N LEU A 181 -0.78 9.25 10.12
CA LEU A 181 0.62 9.41 10.61
C LEU A 181 0.82 10.82 11.18
N ASP A 182 -0.23 11.44 11.74
CA ASP A 182 -0.20 12.80 12.34
C ASP A 182 0.66 12.84 13.62
N SER A 183 0.53 11.89 14.53
CA SER A 183 1.38 11.82 15.75
CA SER A 183 1.38 11.84 15.76
C SER A 183 2.85 11.60 15.37
N CYS A 184 3.14 11.32 14.09
CA CYS A 184 4.53 10.99 13.65
C CYS A 184 5.30 12.29 13.48
N LYS A 185 6.46 12.35 14.14
CA LYS A 185 7.32 13.54 14.28
C LYS A 185 8.78 13.11 14.08
N ARG A 186 9.54 13.87 13.29
CA ARG A 186 10.99 13.63 13.06
C ARG A 186 11.72 14.96 13.23
N VAL A 187 12.69 15.03 14.11
CA VAL A 187 13.51 16.26 14.30
C VAL A 187 14.91 15.93 13.75
N LEU A 188 15.40 16.79 12.88
CA LEU A 188 16.72 16.61 12.22
C LEU A 188 17.58 17.78 12.65
N ASN A 189 18.86 17.53 12.86
CA ASN A 189 19.83 18.64 12.94
C ASN A 189 20.75 18.50 11.73
N VAL A 190 20.96 19.62 11.06
CA VAL A 190 21.92 19.75 9.93
C VAL A 190 23.05 20.66 10.43
N VAL A 191 24.28 20.14 10.38
CA VAL A 191 25.52 20.82 10.86
C VAL A 191 26.44 21.08 9.65
N CYS A 192 26.57 22.35 9.25
CA CYS A 192 27.57 22.84 8.25
C CYS A 192 28.62 23.71 8.96
N LYS A 193 29.86 23.62 8.49
CA LYS A 193 31.03 24.36 9.05
C LYS A 193 30.75 25.87 8.99
N THR A 194 30.10 26.33 7.91
CA THR A 194 29.89 27.78 7.61
C THR A 194 28.51 28.25 8.13
N CYS A 195 27.39 27.78 7.55
CA CYS A 195 26.05 28.30 7.93
C CYS A 195 25.76 27.89 9.39
N GLY A 196 26.38 26.81 9.87
CA GLY A 196 26.29 26.34 11.27
C GLY A 196 25.29 25.20 11.42
N GLN A 197 24.37 25.33 12.38
CA GLN A 197 23.39 24.29 12.76
C GLN A 197 21.97 24.79 12.52
N GLN A 198 21.15 23.98 11.87
CA GLN A 198 19.71 24.26 11.76
C GLN A 198 18.94 22.95 11.92
N GLN A 199 17.91 23.03 12.75
CA GLN A 199 17.01 21.92 13.10
C GLN A 199 15.72 22.15 12.35
N THR A 200 15.07 21.08 11.92
CA THR A 200 13.77 21.10 11.20
C THR A 200 12.96 19.95 11.78
N THR A 201 11.65 20.14 11.87
CA THR A 201 10.69 19.10 12.30
C THR A 201 9.92 18.67 11.05
N LEU A 202 9.82 17.37 10.81
CA LEU A 202 8.94 16.75 9.78
C LEU A 202 7.80 16.03 10.50
N LYS A 203 6.62 16.00 9.88
CA LYS A 203 5.38 15.35 10.37
C LYS A 203 4.89 14.38 9.30
N GLY A 204 4.08 13.39 9.66
CA GLY A 204 3.35 12.55 8.70
C GLY A 204 4.31 11.71 7.90
N VAL A 205 4.02 11.56 6.61
CA VAL A 205 4.73 10.57 5.75
C VAL A 205 6.23 10.84 5.81
N GLU A 206 6.61 12.10 5.70
CA GLU A 206 8.02 12.52 5.59
C GLU A 206 8.76 12.23 6.89
N ALA A 207 8.02 12.01 7.99
CA ALA A 207 8.60 11.68 9.32
C ALA A 207 9.02 10.21 9.35
N VAL A 208 8.45 9.35 8.50
CA VAL A 208 8.71 7.87 8.60
C VAL A 208 9.52 7.33 7.43
N MET A 209 9.77 8.11 6.38
CA MET A 209 10.50 7.63 5.17
C MET A 209 11.78 8.41 5.03
N TYR A 210 12.88 7.75 4.70
CA TYR A 210 14.16 8.38 4.28
C TYR A 210 14.68 7.62 3.06
N MET A 211 15.22 8.38 2.11
CA MET A 211 15.86 7.84 0.89
C MET A 211 17.31 8.26 0.93
N GLY A 212 18.25 7.30 0.88
CA GLY A 212 19.70 7.59 0.96
C GLY A 212 20.48 6.53 1.72
N THR A 213 19.90 5.92 2.76
CA THR A 213 20.58 4.82 3.48
C THR A 213 19.52 3.86 4.00
N LEU A 214 19.93 2.59 4.08
CA LEU A 214 19.18 1.45 4.61
C LEU A 214 19.33 1.40 6.15
N SER A 215 20.46 1.85 6.71
CA SER A 215 20.81 1.70 8.15
C SER A 215 20.14 2.81 8.96
N TYR A 216 19.16 2.49 9.79
CA TYR A 216 18.61 3.41 10.83
C TYR A 216 19.75 3.88 11.75
N GLU A 217 20.63 2.95 12.15
CA GLU A 217 21.82 3.27 12.99
C GLU A 217 22.57 4.44 12.35
N GLN A 218 22.93 4.29 11.06
CA GLN A 218 23.76 5.26 10.34
C GLN A 218 23.04 6.62 10.27
N PHE A 219 21.72 6.60 10.17
CA PHE A 219 20.90 7.84 10.18
C PHE A 219 21.10 8.56 11.52
N LYS A 220 21.11 7.80 12.61
CA LYS A 220 21.26 8.31 14.00
C LYS A 220 22.63 8.95 14.17
N LYS A 221 23.68 8.28 13.68
CA LYS A 221 25.09 8.73 13.80
C LYS A 221 25.35 9.94 12.90
N GLY A 222 24.58 10.06 11.80
CA GLY A 222 24.67 11.17 10.85
C GLY A 222 25.02 10.67 9.47
N VAL A 223 24.58 11.40 8.45
CA VAL A 223 24.90 11.11 7.02
C VAL A 223 25.34 12.41 6.36
N GLN A 224 26.14 12.31 5.30
CA GLN A 224 26.71 13.48 4.58
C GLN A 224 25.75 13.93 3.48
N ILE A 225 25.22 15.16 3.59
CA ILE A 225 24.31 15.78 2.58
C ILE A 225 24.87 17.14 2.12
N PRO A 226 24.75 17.45 0.82
CA PRO A 226 25.07 18.79 0.30
C PRO A 226 24.40 19.93 1.08
N CYS A 227 25.17 20.94 1.47
CA CYS A 227 24.68 22.18 2.12
C CYS A 227 24.42 23.22 1.03
N THR A 228 23.41 24.08 1.22
CA THR A 228 22.97 25.13 0.27
C THR A 228 24.06 26.20 0.11
N CYS A 229 24.98 26.34 1.09
CA CYS A 229 26.14 27.27 1.02
C CYS A 229 27.18 26.75 0.02
N GLY A 230 27.30 25.43 -0.14
CA GLY A 230 28.28 24.78 -1.03
C GLY A 230 29.00 23.61 -0.36
N LYS A 231 29.23 23.69 0.95
CA LYS A 231 29.89 22.64 1.77
C LYS A 231 29.07 21.34 1.72
N GLN A 232 29.70 20.21 2.04
CA GLN A 232 29.02 18.99 2.56
C GLN A 232 28.61 19.30 4.00
N ALA A 233 27.40 18.90 4.42
CA ALA A 233 26.89 19.06 5.81
C ALA A 233 26.49 17.70 6.36
N THR A 234 26.36 17.59 7.69
CA THR A 234 25.91 16.36 8.39
C THR A 234 24.46 16.55 8.85
N LYS A 235 23.60 15.64 8.43
CA LYS A 235 22.20 15.49 8.88
C LYS A 235 22.15 14.27 9.80
N TYR A 236 21.59 14.42 11.00
CA TYR A 236 21.40 13.28 11.93
C TYR A 236 20.05 13.38 12.63
N LEU A 237 19.58 12.24 13.11
CA LEU A 237 18.27 12.13 13.75
C LEU A 237 18.40 12.59 15.20
N VAL A 238 17.65 13.63 15.54
CA VAL A 238 17.60 14.24 16.90
C VAL A 238 16.52 13.48 17.70
N GLN A 239 15.29 13.47 17.18
CA GLN A 239 14.11 12.85 17.82
C GLN A 239 13.23 12.15 16.78
N GLN A 240 12.78 10.93 17.07
CA GLN A 240 11.83 10.14 16.25
C GLN A 240 10.63 9.70 17.11
N GLU A 241 9.42 10.05 16.69
CA GLU A 241 8.16 9.57 17.33
C GLU A 241 7.28 8.96 16.24
N SER A 242 7.39 7.65 16.07
CA SER A 242 6.58 6.87 15.11
C SER A 242 6.64 5.43 15.56
N PRO A 243 5.68 4.58 15.14
CA PRO A 243 5.72 3.15 15.47
C PRO A 243 6.67 2.32 14.59
N PHE A 244 7.17 2.92 13.50
CA PHE A 244 8.13 2.29 12.55
C PHE A 244 8.82 3.39 11.76
N VAL A 245 9.93 3.05 11.13
CA VAL A 245 10.58 3.91 10.12
C VAL A 245 10.86 3.02 8.90
N MET A 246 10.87 3.65 7.73
CA MET A 246 11.24 3.03 6.45
C MET A 246 12.50 3.71 5.91
N MET A 247 13.58 2.94 5.81
CA MET A 247 14.89 3.41 5.28
C MET A 247 15.07 2.78 3.89
N SER A 248 15.27 3.61 2.87
CA SER A 248 15.43 3.17 1.45
C SER A 248 16.72 3.69 0.85
N ALA A 249 17.21 2.96 -0.17
CA ALA A 249 18.32 3.37 -1.03
C ALA A 249 18.29 2.60 -2.34
N PRO A 250 18.95 3.11 -3.40
CA PRO A 250 19.09 2.38 -4.65
C PRO A 250 19.59 0.99 -4.29
N PRO A 251 19.16 -0.10 -4.94
CA PRO A 251 19.59 -1.44 -4.56
C PRO A 251 21.12 -1.52 -4.46
N ALA A 252 21.66 -2.16 -3.42
CA ALA A 252 23.09 -2.48 -3.26
C ALA A 252 23.20 -3.69 -2.33
N GLN A 253 24.24 -4.51 -2.49
CA GLN A 253 24.57 -5.63 -1.58
C GLN A 253 24.55 -5.10 -0.13
N TYR A 254 23.80 -5.78 0.73
CA TYR A 254 23.57 -5.40 2.14
C TYR A 254 23.36 -6.68 2.94
N GLU A 255 23.91 -6.65 4.14
CA GLU A 255 23.87 -7.76 5.11
C GLU A 255 22.68 -7.47 6.02
N LEU A 256 21.78 -8.44 6.16
CA LEU A 256 20.64 -8.31 7.12
C LEU A 256 20.91 -9.24 8.32
N LYS A 257 20.89 -8.68 9.52
CA LYS A 257 21.16 -9.50 10.74
C LYS A 257 19.84 -9.78 11.47
N HIS A 258 19.60 -11.06 11.78
CA HIS A 258 18.44 -11.54 12.57
C HIS A 258 18.23 -10.59 13.75
N GLY A 259 17.02 -10.11 13.98
CA GLY A 259 16.68 -9.36 15.21
C GLY A 259 17.04 -7.89 15.15
N THR A 260 17.64 -7.38 14.08
CA THR A 260 18.05 -5.93 14.00
C THR A 260 17.12 -5.13 13.08
N PHE A 261 16.10 -5.73 12.49
CA PHE A 261 15.14 -5.06 11.57
C PHE A 261 13.83 -5.84 11.61
N THR A 262 12.72 -5.29 11.12
CA THR A 262 11.45 -6.04 10.99
C THR A 262 11.43 -6.80 9.67
N CYS A 263 11.53 -6.11 8.55
CA CYS A 263 11.46 -6.74 7.21
C CYS A 263 12.14 -5.83 6.21
N ALA A 264 12.39 -6.32 4.98
CA ALA A 264 13.17 -5.64 3.94
C ALA A 264 12.70 -6.05 2.53
N SER A 265 12.82 -5.12 1.60
CA SER A 265 12.59 -5.34 0.14
C SER A 265 13.93 -5.68 -0.52
N GLU A 266 14.02 -6.87 -1.11
CA GLU A 266 15.11 -7.30 -1.99
C GLU A 266 14.70 -6.98 -3.42
N TYR A 267 15.59 -6.39 -4.20
CA TYR A 267 15.28 -6.08 -5.62
C TYR A 267 16.43 -6.53 -6.49
N THR A 268 16.14 -7.36 -7.48
CA THR A 268 17.14 -7.96 -8.40
C THR A 268 16.80 -7.56 -9.84
N GLY A 269 17.79 -7.08 -10.59
CA GLY A 269 17.72 -6.88 -12.07
C GLY A 269 17.78 -5.41 -12.44
N ASN A 270 17.29 -5.06 -13.62
CA ASN A 270 17.44 -3.67 -14.12
C ASN A 270 16.41 -2.77 -13.46
N TYR A 271 16.69 -1.47 -13.48
CA TYR A 271 15.76 -0.38 -13.13
C TYR A 271 14.40 -0.73 -13.76
N GLN A 272 13.34 -0.66 -12.95
CA GLN A 272 11.92 -0.84 -13.35
C GLN A 272 11.54 -2.30 -13.62
N CYS A 273 12.32 -3.09 -14.35
CA CYS A 273 11.78 -4.38 -14.86
C CYS A 273 12.40 -5.55 -14.12
N GLY A 274 12.91 -5.30 -12.92
CA GLY A 274 13.40 -6.39 -12.05
C GLY A 274 12.30 -7.04 -11.23
N HIS A 275 12.71 -7.76 -10.19
CA HIS A 275 11.85 -8.65 -9.37
C HIS A 275 12.10 -8.36 -7.89
N TYR A 276 11.05 -8.14 -7.14
CA TYR A 276 11.12 -7.99 -5.68
C TYR A 276 10.91 -9.36 -4.99
N LYS A 277 11.62 -9.55 -3.89
CA LYS A 277 11.32 -10.52 -2.83
C LYS A 277 11.34 -9.81 -1.48
N HIS A 278 10.85 -10.49 -0.46
CA HIS A 278 10.61 -9.92 0.88
C HIS A 278 11.37 -10.75 1.91
N ILE A 279 12.21 -10.09 2.72
CA ILE A 279 12.95 -10.72 3.84
C ILE A 279 12.32 -10.26 5.14
N THR A 280 11.94 -11.21 6.00
CA THR A 280 11.34 -10.91 7.31
C THR A 280 12.20 -11.59 8.39
N SER A 281 12.43 -10.88 9.49
CA SER A 281 13.20 -11.37 10.67
C SER A 281 12.24 -12.01 11.68
N LYS A 282 12.23 -13.34 11.77
CA LYS A 282 11.41 -14.07 12.78
C LYS A 282 12.39 -14.70 13.76
N GLU A 283 12.27 -16.00 14.03
CA GLU A 283 13.21 -16.75 14.89
C GLU A 283 14.48 -16.93 14.07
N THR A 284 14.33 -16.89 12.73
CA THR A 284 15.42 -16.89 11.73
C THR A 284 14.98 -15.98 10.55
N LEU A 285 15.80 -15.86 9.49
CA LEU A 285 15.48 -14.98 8.32
C LEU A 285 14.69 -15.80 7.33
N TYR A 286 13.53 -15.30 6.97
CA TYR A 286 12.68 -15.93 5.94
C TYR A 286 12.67 -15.04 4.70
N CYS A 287 12.75 -15.65 3.54
CA CYS A 287 12.67 -14.94 2.25
C CYS A 287 11.39 -15.42 1.57
N ILE A 288 10.43 -14.50 1.43
CA ILE A 288 9.13 -14.79 0.77
C ILE A 288 9.17 -14.23 -0.64
N ASP A 289 9.13 -15.13 -1.61
CA ASP A 289 9.07 -14.85 -3.06
C ASP A 289 7.70 -15.30 -3.57
N GLY A 290 6.68 -14.48 -3.35
CA GLY A 290 5.30 -14.82 -3.71
C GLY A 290 4.81 -16.01 -2.92
N ALA A 291 4.62 -17.17 -3.57
CA ALA A 291 4.21 -18.45 -2.97
C ALA A 291 5.44 -19.23 -2.45
N LEU A 292 6.67 -18.84 -2.78
CA LEU A 292 7.90 -19.60 -2.40
C LEU A 292 8.50 -19.06 -1.11
N LEU A 293 9.03 -19.97 -0.29
CA LEU A 293 9.64 -19.64 1.03
C LEU A 293 10.99 -20.32 1.12
N THR A 294 12.01 -19.58 1.55
CA THR A 294 13.33 -20.14 1.94
C THR A 294 13.70 -19.47 3.27
N LYS A 295 14.55 -20.12 4.06
CA LYS A 295 15.04 -19.56 5.34
C LYS A 295 16.55 -19.71 5.40
N SER A 296 17.20 -18.83 6.14
CA SER A 296 18.65 -18.93 6.41
C SER A 296 18.94 -18.13 7.68
N SER A 297 20.04 -18.42 8.37
CA SER A 297 20.40 -17.71 9.62
C SER A 297 21.04 -16.38 9.25
N GLU A 298 21.64 -16.30 8.05
CA GLU A 298 22.36 -15.08 7.58
C GLU A 298 21.78 -14.66 6.22
N TYR A 299 21.97 -13.40 5.86
CA TYR A 299 21.58 -12.89 4.53
C TYR A 299 22.49 -11.77 4.06
N LYS A 300 22.98 -11.90 2.84
CA LYS A 300 23.57 -10.76 2.10
C LYS A 300 22.97 -10.77 0.69
N GLY A 301 22.48 -9.63 0.24
CA GLY A 301 21.86 -9.53 -1.09
C GLY A 301 21.42 -8.10 -1.36
N PRO A 302 20.81 -7.87 -2.55
CA PRO A 302 20.50 -6.53 -2.99
C PRO A 302 19.22 -5.99 -2.35
N ILE A 303 19.37 -5.07 -1.38
CA ILE A 303 18.25 -4.54 -0.56
C ILE A 303 18.03 -3.09 -0.92
N THR A 304 16.77 -2.64 -0.92
CA THR A 304 16.40 -1.26 -1.33
C THR A 304 15.51 -0.62 -0.27
N ASP A 305 14.81 -1.42 0.54
CA ASP A 305 14.03 -0.89 1.68
C ASP A 305 14.26 -1.75 2.92
N VAL A 306 14.43 -1.13 4.08
CA VAL A 306 14.47 -1.84 5.40
C VAL A 306 13.50 -1.12 6.32
N PHE A 307 12.60 -1.88 6.93
CA PHE A 307 11.63 -1.40 7.96
C PHE A 307 12.16 -1.78 9.36
N TYR A 308 12.02 -0.86 10.29
CA TYR A 308 12.48 -0.94 11.70
C TYR A 308 11.33 -0.50 12.59
N LYS A 309 11.19 -1.14 13.75
CA LYS A 309 10.26 -0.70 14.82
C LYS A 309 10.78 0.54 15.50
N GLU A 310 9.86 1.37 15.99
CA GLU A 310 10.18 2.59 16.78
C GLU A 310 9.00 2.85 17.71
N ASN A 311 9.19 3.70 18.72
CA ASN A 311 8.07 4.27 19.52
CA ASN A 311 8.16 4.23 19.64
C ASN A 311 8.45 5.74 19.81
N SER A 312 9.55 5.95 20.53
CA SER A 312 10.13 7.24 20.95
C SER A 312 11.66 7.06 21.00
N TYR A 313 12.40 7.90 20.28
CA TYR A 313 13.88 7.94 20.30
C TYR A 313 14.34 9.39 20.39
N THR A 314 15.27 9.67 21.31
CA THR A 314 15.99 10.96 21.43
C THR A 314 17.49 10.68 21.43
N THR A 315 18.27 11.40 20.62
CA THR A 315 19.74 11.22 20.47
C THR A 315 20.45 11.64 21.76
N THR A 316 21.68 11.15 21.95
CA THR A 316 22.61 11.51 23.07
C THR A 316 23.86 12.24 22.52
N ILE A 317 23.73 12.94 21.38
CA ILE A 317 24.88 13.57 20.66
C ILE A 317 25.14 14.98 21.21
O26 Y94 B . 8.33 4.73 -12.07
C24 Y94 B . 9.35 4.98 -11.48
N25 Y94 B . 9.86 6.24 -11.30
C27 Y94 B . 9.19 7.50 -11.60
C28 Y94 B . 8.39 8.01 -10.40
C29 Y94 B . 8.79 9.04 -9.65
N01 Y94 B . 10.04 4.05 -10.87
C19 Y94 B . 9.96 2.71 -10.75
C13 Y94 B . 11.17 2.24 -10.21
C21 Y94 B . 8.93 1.84 -11.09
C17 Y94 B . 9.11 0.45 -10.89
C10 Y94 B . 10.31 -0.04 -10.38
C16 Y94 B . 10.59 -1.51 -10.13
C3 Y94 B . 11.37 0.91 -10.01
C1 Y94 B . 12.67 0.45 -9.47
O7 Y94 B . 13.43 0.02 -10.31
N2 Y94 B . 12.93 0.57 -8.14
C6 Y94 B . 14.17 0.16 -7.60
C01 Y94 B . 14.01 -0.24 -6.12
C5 Y94 B . 15.16 1.26 -7.77
C8 Y94 B . 16.37 1.12 -8.59
C14 Y94 B . 16.67 -0.02 -9.30
C20 Y94 B . 17.82 -0.04 -10.07
C22 Y94 B . 18.71 1.04 -10.18
C18 Y94 B . 18.43 2.21 -9.46
C11 Y94 B . 17.29 2.27 -8.66
C12 Y94 B . 17.00 3.41 -7.94
C9 Y94 B . 15.87 3.52 -7.15
C4 Y94 B . 14.97 2.46 -7.08
ZN ZN C . 26.16 26.20 4.87
ZN ZN D . -27.66 5.35 -0.42
ZN ZN E . -4.56 -10.73 -14.98
ZN ZN E . -6.21 -11.32 -15.60
ZN ZN F . -8.91 10.86 3.72
CL CL G . -7.22 9.48 2.96
CL CL H . -9.31 12.60 2.37
CL CL I . -5.42 -12.28 -13.72
O1 MES J . -15.70 -4.24 -23.08
C2 MES J . -14.43 -4.81 -23.35
C3 MES J . -14.41 -6.26 -22.95
N4 MES J . -14.75 -6.44 -21.51
C5 MES J . -16.03 -5.74 -21.20
C6 MES J . -15.98 -4.31 -21.69
C7 MES J . -14.78 -7.91 -21.15
C8 MES J . -15.58 -8.24 -19.91
S MES J . -14.71 -7.86 -18.39
O1S MES J . -13.48 -8.59 -18.46
O2S MES J . -14.52 -6.43 -18.35
O3S MES J . -15.57 -8.32 -17.33
C ACT K . 7.75 -8.89 -11.32
O ACT K . 8.67 -9.69 -11.20
OXT ACT K . 6.71 -9.00 -10.69
CH3 ACT K . 7.91 -7.69 -12.28
C ACT L . 12.43 5.47 -7.36
O ACT L . 13.27 5.33 -6.44
OXT ACT L . 11.24 5.06 -7.28
CH3 ACT L . 12.88 6.21 -8.68
UNK UNX M . -7.62 10.06 -0.44
UNK UNX N . -6.79 9.33 -2.82
UNK UNX O . -5.31 11.48 -0.91
UNK UNX P . -4.54 8.43 -4.08
UNK UNX Q . -5.18 12.67 1.21
UNK UNX R . -4.22 11.08 0.64
UNK UNX S . 20.31 -13.34 16.51
UNK UNX T . 18.05 -14.74 18.01
UNK UNX U . 16.90 -16.81 17.11
UNK UNX V . 20.28 -15.04 15.03
UNK UNX W . 18.99 -16.45 17.26
UNK UNX X . 17.66 -17.69 19.39
#